data_8CSH
#
_entry.id   8CSH
#
_cell.length_a   70.377
_cell.length_b   91.069
_cell.length_c   59.184
_cell.angle_alpha   90.000
_cell.angle_beta   119.850
_cell.angle_gamma   90.000
#
_symmetry.space_group_name_H-M   'C 1 2 1'
#
loop_
_entity.id
_entity.type
_entity.pdbx_description
1 polymer "DNA (5'-D(P*TP*GP*TP*TP*AP*GP*GP*TP*AP*CP*CP*TP*AP*AP*C)-3')"
2 polymer Par
3 polymer "DNA (5'-D(*TP*AP*GP*TP*TP*AP*GP*GP*TP*AP*CP*CP*TP*AP*AP*CP*A)-3')"
4 water water
#
loop_
_entity_poly.entity_id
_entity_poly.type
_entity_poly.pdbx_seq_one_letter_code
_entity_poly.pdbx_strand_id
1 'polydeoxyribonucleotide' (DT)(DG)(DT)(DT)(DA)(DG)(DG)(DT)(DA)(DC)(DC)(DT)(DA)(DA)(DC) T
2 'polypeptide(L)'
;MKTIKMVADELNVTKQTVVNNAKNLNISFEKENGVNYIDDNDYLKIVEKITKKERTTQNKENKKSEITYENTEKNRYNNS
DGFETLKTKVNELEKQVEIFETRAKNDEKYIENLTKQLDQQNSNVNTLNKLLENQQILALESNKKIQKLEHQLEEERQLS
YSFDKSTNDR
;
D,A
3 'polydeoxyribonucleotide' (DT)(DA)(DG)(DT)(DT)(DA)(DG)(DG)(DT)(DA)(DC)(DC)(DT)(DA)(DA)(DC)(DA) Y
#
loop_
_chem_comp.id
_chem_comp.type
_chem_comp.name
_chem_comp.formula
DA DNA linking 2'-DEOXYADENOSINE-5'-MONOPHOSPHATE 'C10 H14 N5 O6 P'
DC DNA linking 2'-DEOXYCYTIDINE-5'-MONOPHOSPHATE 'C9 H14 N3 O7 P'
DG DNA linking 2'-DEOXYGUANOSINE-5'-MONOPHOSPHATE 'C10 H14 N5 O7 P'
DT DNA linking THYMIDINE-5'-MONOPHOSPHATE 'C10 H15 N2 O8 P'
#
# COMPACT_ATOMS: atom_id res chain seq x y z
N MET B 1 2.87 14.06 16.27
CA MET B 1 2.80 13.06 17.33
C MET B 1 1.98 11.84 16.91
N LYS B 2 0.86 12.08 16.22
CA LYS B 2 -0.08 11.02 15.90
C LYS B 2 0.08 10.56 14.46
N THR B 3 -0.01 9.24 14.26
CA THR B 3 -0.09 8.65 12.93
C THR B 3 -1.55 8.43 12.53
N ILE B 4 -1.77 8.25 11.23
CA ILE B 4 -3.12 8.02 10.72
C ILE B 4 -3.74 6.79 11.40
N LYS B 5 -2.94 5.72 11.56
CA LYS B 5 -3.40 4.50 12.20
C LYS B 5 -3.86 4.74 13.63
N MET B 6 -3.04 5.44 14.41
CA MET B 6 -3.40 5.74 15.80
C MET B 6 -4.76 6.42 15.88
N VAL B 7 -4.97 7.46 15.06
CA VAL B 7 -6.24 8.17 15.09
C VAL B 7 -7.38 7.27 14.64
N ALA B 8 -7.16 6.51 13.57
CA ALA B 8 -8.18 5.61 13.05
C ALA B 8 -8.51 4.50 14.05
N ASP B 9 -7.55 4.14 14.91
CA ASP B 9 -7.85 3.15 15.93
C ASP B 9 -8.69 3.76 17.05
N GLU B 10 -8.41 5.01 17.42
CA GLU B 10 -9.19 5.68 18.46
C GLU B 10 -10.65 5.81 18.04
N LEU B 11 -10.89 6.30 16.83
CA LEU B 11 -12.23 6.57 16.34
C LEU B 11 -12.94 5.33 15.85
N ASN B 12 -12.24 4.20 15.77
CA ASN B 12 -12.78 2.96 15.24
C ASN B 12 -13.31 3.17 13.83
N VAL B 13 -12.41 3.66 12.98
CA VAL B 13 -12.69 4.04 11.61
C VAL B 13 -11.49 3.61 10.78
N THR B 14 -11.68 3.48 9.46
CA THR B 14 -10.52 3.09 8.64
C THR B 14 -9.58 4.27 8.45
N LYS B 15 -8.33 3.94 8.07
CA LYS B 15 -7.28 4.93 7.84
C LYS B 15 -7.65 5.90 6.71
N GLN B 16 -8.24 5.39 5.63
CA GLN B 16 -8.66 6.26 4.54
C GLN B 16 -9.74 7.24 5.01
N THR B 17 -10.55 6.84 5.99
CA THR B 17 -11.55 7.77 6.50
C THR B 17 -10.90 8.92 7.23
N VAL B 18 -9.84 8.64 8.00
CA VAL B 18 -9.08 9.72 8.61
C VAL B 18 -8.57 10.67 7.53
N VAL B 19 -7.95 10.11 6.49
CA VAL B 19 -7.41 10.92 5.41
C VAL B 19 -8.53 11.70 4.70
N ASN B 20 -9.70 11.08 4.50
CA ASN B 20 -10.79 11.78 3.83
C ASN B 20 -11.26 12.98 4.64
N ASN B 21 -11.39 12.81 5.96
CA ASN B 21 -11.78 13.94 6.80
C ASN B 21 -10.69 14.98 6.89
N ALA B 22 -9.41 14.57 6.86
CA ALA B 22 -8.33 15.53 6.89
C ALA B 22 -8.34 16.43 5.65
N LYS B 23 -8.60 15.86 4.48
CA LYS B 23 -8.67 16.69 3.28
C LYS B 23 -9.88 17.62 3.32
N ASN B 24 -11.02 17.14 3.82
CA ASN B 24 -12.19 17.99 3.99
C ASN B 24 -11.87 19.22 4.82
N LEU B 25 -11.06 19.06 5.86
CA LEU B 25 -10.73 20.14 6.78
C LEU B 25 -9.50 20.94 6.36
N ASN B 26 -9.00 20.72 5.15
CA ASN B 26 -7.76 21.34 4.68
C ASN B 26 -6.64 21.21 5.72
N ILE B 27 -6.42 19.98 6.15
CA ILE B 27 -5.38 19.64 7.11
C ILE B 27 -4.22 19.01 6.36
N SER B 28 -3.03 19.56 6.53
CA SER B 28 -1.83 19.05 5.88
C SER B 28 -1.08 18.14 6.85
N PHE B 29 -0.77 16.93 6.41
CA PHE B 29 0.07 16.08 7.25
C PHE B 29 1.52 16.50 7.16
N GLU B 30 2.30 16.05 8.13
CA GLU B 30 3.75 16.18 8.08
C GLU B 30 4.31 14.79 7.81
N LYS B 31 4.99 14.62 6.69
CA LYS B 31 5.53 13.32 6.33
C LYS B 31 7.03 13.30 6.61
N GLU B 32 7.47 12.28 7.32
CA GLU B 32 8.87 12.03 7.63
C GLU B 32 9.11 10.54 7.52
N ASN B 33 10.24 10.14 6.93
CA ASN B 33 10.68 8.75 6.89
C ASN B 33 9.81 7.98 5.90
N GLY B 34 8.73 8.61 5.45
CA GLY B 34 7.70 7.93 4.73
C GLY B 34 6.46 7.67 5.54
N VAL B 35 6.24 8.40 6.64
CA VAL B 35 5.09 8.22 7.51
C VAL B 35 4.45 9.57 7.79
N ASN B 36 3.14 9.67 7.56
CA ASN B 36 2.39 10.89 7.89
C ASN B 36 2.20 11.01 9.38
N TYR B 37 2.35 12.23 9.88
CA TYR B 37 2.08 12.60 11.26
C TYR B 37 1.07 13.73 11.29
N ILE B 38 0.23 13.70 12.33
CA ILE B 38 -0.80 14.71 12.55
C ILE B 38 -0.50 15.39 13.87
N ASP B 39 -0.36 16.72 13.86
CA ASP B 39 -0.20 17.42 15.12
C ASP B 39 -1.50 17.40 15.90
N ASP B 40 -1.41 17.68 17.20
CA ASP B 40 -2.56 17.47 18.08
C ASP B 40 -3.71 18.44 17.80
N ASN B 41 -3.42 19.67 17.35
CA ASN B 41 -4.49 20.60 17.02
C ASN B 41 -5.31 20.11 15.84
N ASP B 42 -4.64 19.78 14.74
CA ASP B 42 -5.32 19.10 13.64
C ASP B 42 -5.97 17.81 14.10
N TYR B 43 -5.30 17.09 15.00
CA TYR B 43 -5.88 15.86 15.52
C TYR B 43 -7.18 16.15 16.25
N LEU B 44 -7.23 17.23 17.02
CA LEU B 44 -8.47 17.58 17.71
C LEU B 44 -9.59 17.87 16.72
N LYS B 45 -9.26 18.53 15.61
CA LYS B 45 -10.31 18.86 14.63
C LYS B 45 -10.85 17.60 13.95
N ILE B 46 -10.01 16.61 13.67
CA ILE B 46 -10.52 15.43 12.96
C ILE B 46 -11.49 14.66 13.84
N VAL B 47 -11.21 14.52 15.13
CA VAL B 47 -12.12 13.78 15.99
C VAL B 47 -13.48 14.47 16.04
N GLU B 48 -13.50 15.81 16.03
CA GLU B 48 -14.76 16.55 16.07
C GLU B 48 -15.61 16.24 14.85
N LYS B 49 -15.02 16.30 13.66
CA LYS B 49 -15.81 16.07 12.45
C LYS B 49 -16.29 14.63 12.36
N ILE B 50 -15.47 13.66 12.79
CA ILE B 50 -15.86 12.26 12.66
C ILE B 50 -16.91 11.89 13.71
N THR B 51 -16.74 12.34 14.96
CA THR B 51 -17.65 11.89 16.01
C THR B 51 -19.00 12.61 15.96
N LYS B 52 -19.05 13.83 15.43
CA LYS B 52 -20.34 14.50 15.27
C LYS B 52 -21.17 13.82 14.19
N LYS B 53 -20.55 13.52 13.05
CA LYS B 53 -21.16 12.73 11.99
C LYS B 53 -21.16 11.25 12.37
N MET C 1 1.08 -8.61 -19.40
CA MET C 1 -0.21 -9.30 -19.46
C MET C 1 -0.59 -9.90 -18.11
N LYS C 2 0.40 -10.37 -17.35
CA LYS C 2 0.14 -10.90 -16.02
C LYS C 2 0.54 -9.87 -14.97
N THR C 3 -0.35 -9.60 -14.03
CA THR C 3 0.00 -8.77 -12.90
C THR C 3 0.71 -9.60 -11.82
N ILE C 4 1.29 -8.89 -10.85
CA ILE C 4 1.91 -9.56 -9.72
C ILE C 4 0.89 -10.45 -9.01
N LYS C 5 -0.32 -9.91 -8.79
CA LYS C 5 -1.33 -10.62 -8.03
C LYS C 5 -1.75 -11.90 -8.74
N MET C 6 -2.08 -11.79 -10.04
CA MET C 6 -2.40 -12.98 -10.82
C MET C 6 -1.33 -14.05 -10.67
N VAL C 7 -0.06 -13.66 -10.80
CA VAL C 7 1.03 -14.64 -10.67
C VAL C 7 1.07 -15.20 -9.26
N ALA C 8 1.01 -14.32 -8.27
CA ALA C 8 1.07 -14.74 -6.87
C ALA C 8 0.00 -15.77 -6.54
N ASP C 9 -1.19 -15.63 -7.13
CA ASP C 9 -2.26 -16.54 -6.78
C ASP C 9 -2.18 -17.86 -7.54
N GLU C 10 -1.66 -17.85 -8.77
CA GLU C 10 -1.40 -19.11 -9.46
C GLU C 10 -0.39 -19.95 -8.67
N LEU C 11 0.63 -19.31 -8.12
CA LEU C 11 1.66 -20.01 -7.35
C LEU C 11 1.30 -20.15 -5.87
N ASN C 12 0.26 -19.47 -5.40
CA ASN C 12 -0.13 -19.51 -3.99
C ASN C 12 1.00 -19.02 -3.09
N VAL C 13 1.58 -17.86 -3.45
CA VAL C 13 2.52 -17.13 -2.63
C VAL C 13 2.02 -15.69 -2.52
N THR C 14 2.65 -14.93 -1.62
CA THR C 14 2.31 -13.52 -1.47
C THR C 14 2.87 -12.73 -2.64
N LYS C 15 2.24 -11.58 -2.90
CA LYS C 15 2.71 -10.68 -3.94
C LYS C 15 4.19 -10.34 -3.74
N GLN C 16 4.59 -10.02 -2.50
CA GLN C 16 6.00 -9.68 -2.25
C GLN C 16 6.95 -10.83 -2.59
N THR C 17 6.50 -12.07 -2.41
CA THR C 17 7.29 -13.21 -2.87
C THR C 17 7.51 -13.16 -4.38
N VAL C 18 6.45 -12.83 -5.15
CA VAL C 18 6.65 -12.67 -6.60
C VAL C 18 7.68 -11.58 -6.86
N VAL C 19 7.56 -10.46 -6.16
CA VAL C 19 8.51 -9.36 -6.37
C VAL C 19 9.92 -9.76 -5.96
N ASN C 20 10.05 -10.52 -4.86
CA ASN C 20 11.39 -10.89 -4.38
C ASN C 20 12.10 -11.81 -5.38
N ASN C 21 11.37 -12.75 -5.96
CA ASN C 21 12.00 -13.62 -6.95
C ASN C 21 12.28 -12.87 -8.25
N ALA C 22 11.39 -11.97 -8.66
CA ALA C 22 11.66 -11.20 -9.86
C ALA C 22 12.93 -10.40 -9.73
N LYS C 23 13.23 -9.90 -8.53
CA LYS C 23 14.48 -9.16 -8.35
C LYS C 23 15.68 -10.09 -8.29
N ASN C 24 15.53 -11.30 -7.72
CA ASN C 24 16.62 -12.27 -7.76
C ASN C 24 17.03 -12.59 -9.18
N LEU C 25 16.06 -12.68 -10.08
CA LEU C 25 16.29 -12.95 -11.49
C LEU C 25 16.59 -11.68 -12.28
N ASN C 26 16.79 -10.55 -11.61
CA ASN C 26 17.01 -9.25 -12.23
C ASN C 26 16.07 -9.02 -13.42
N ILE C 27 14.83 -9.48 -13.23
CA ILE C 27 13.70 -9.20 -14.12
C ILE C 27 13.13 -7.85 -13.75
N SER C 28 12.77 -7.05 -14.75
CA SER C 28 12.13 -5.77 -14.48
C SER C 28 10.73 -5.73 -15.07
N PHE C 29 9.79 -5.14 -14.34
CA PHE C 29 8.40 -5.09 -14.76
C PHE C 29 8.11 -3.89 -15.66
N GLU C 30 7.04 -4.02 -16.45
CA GLU C 30 6.49 -2.90 -17.22
C GLU C 30 5.30 -2.33 -16.44
N LYS C 31 5.33 -1.02 -16.19
CA LYS C 31 4.30 -0.34 -15.42
C LYS C 31 3.36 0.38 -16.39
N GLU C 32 2.07 0.06 -16.30
CA GLU C 32 1.05 0.68 -17.12
C GLU C 32 -0.01 1.24 -16.17
N ASN C 33 -0.27 2.53 -16.27
CA ASN C 33 -1.24 3.21 -15.38
C ASN C 33 -1.01 2.84 -13.92
N GLY C 34 0.26 2.77 -13.52
CA GLY C 34 0.60 2.54 -12.14
C GLY C 34 0.78 1.09 -11.71
N VAL C 35 0.40 0.10 -12.53
CA VAL C 35 0.38 -1.29 -12.10
C VAL C 35 1.42 -2.11 -12.86
N ASN C 36 2.21 -2.89 -12.12
CA ASN C 36 3.24 -3.70 -12.74
C ASN C 36 2.61 -4.79 -13.60
N TYR C 37 3.23 -5.06 -14.75
CA TYR C 37 2.90 -6.21 -15.60
C TYR C 37 4.15 -7.04 -15.87
N ILE C 38 3.99 -8.37 -15.89
CA ILE C 38 5.09 -9.32 -16.06
C ILE C 38 5.02 -9.88 -17.48
N ASP C 39 6.10 -9.73 -18.23
CA ASP C 39 6.13 -10.25 -19.59
C ASP C 39 6.18 -11.77 -19.57
N ASP C 40 5.54 -12.37 -20.58
CA ASP C 40 5.27 -13.81 -20.55
C ASP C 40 6.55 -14.63 -20.40
N ASN C 41 7.65 -14.19 -21.01
CA ASN C 41 8.94 -14.84 -20.81
C ASN C 41 9.35 -14.77 -19.35
N ASP C 42 9.38 -13.56 -18.79
CA ASP C 42 9.76 -13.37 -17.40
C ASP C 42 8.83 -14.14 -16.46
N TYR C 43 7.56 -14.23 -16.80
CA TYR C 43 6.61 -15.01 -16.02
C TYR C 43 7.11 -16.44 -15.85
N LEU C 44 7.35 -17.14 -16.96
CA LEU C 44 7.77 -18.53 -16.89
C LEU C 44 9.00 -18.68 -16.01
N LYS C 45 9.99 -17.79 -16.16
CA LYS C 45 11.18 -17.91 -15.35
C LYS C 45 10.89 -17.71 -13.85
N ILE C 46 9.95 -16.82 -13.52
CA ILE C 46 9.59 -16.66 -12.12
C ILE C 46 8.96 -17.95 -11.57
N VAL C 47 8.05 -18.56 -12.33
CA VAL C 47 7.37 -19.75 -11.79
C VAL C 47 8.38 -20.89 -11.65
N GLU C 48 9.32 -20.99 -12.59
CA GLU C 48 10.35 -22.02 -12.50
C GLU C 48 11.14 -21.88 -11.19
N LYS C 49 11.45 -20.64 -10.79
CA LYS C 49 12.27 -20.46 -9.61
C LYS C 49 11.48 -20.71 -8.34
N ILE C 50 10.21 -20.26 -8.29
CA ILE C 50 9.41 -20.49 -7.10
C ILE C 50 9.06 -21.98 -6.99
N THR C 51 8.95 -22.67 -8.13
CA THR C 51 8.54 -24.07 -8.13
C THR C 51 9.65 -24.98 -7.65
N LYS C 52 10.84 -24.82 -8.24
CA LYS C 52 11.95 -25.70 -7.89
C LYS C 52 12.28 -25.62 -6.41
N LYS C 53 12.41 -24.41 -5.89
CA LYS C 53 12.81 -24.19 -4.52
C LYS C 53 11.61 -24.15 -3.58
#